data_6L14
#
_entry.id   6L14
#
_cell.length_a   98.425
_cell.length_b   98.425
_cell.length_c   80.990
_cell.angle_alpha   90.000
_cell.angle_beta   90.000
_cell.angle_gamma   120.000
#
_symmetry.space_group_name_H-M   'P 65'
#
loop_
_entity.id
_entity.type
_entity.pdbx_description
1 polymer 'Serine/threonine-protein kinase pim-1'
2 non-polymer 2-chloranyl-10-[3-[(3~{S})-piperidin-3-yl]propyl]phenoxazine
3 water water
#
_entity_poly.entity_id   1
_entity_poly.type   'polypeptide(L)'
_entity_poly.pdbx_seq_one_letter_code
;GPHMKEKEPLESQYQVGPLLGSGGFGSVYSGIRVSDNLPVAIKHVEKDRISDWGELPNGTRVPMEVVLLKKVSSGFSGVI
RLLDWFERPDSFVLILERPEPVQDLFDFITERGALQEELARSFFWQVLEAVRHCHNCGVLHRDIKDENILIDLNRGELKL
IDFGSGALLKDTVYTDFDGTRVYSPPEWIRYHRYHGRSAAVWSLGILLYDMVCGDIPFEHDEEIIRGQVFFRQRVS
(SEP)ECQHLIRWCLALRPSDRPTFEEIQNHPWMQDVLLPQETAEIHLHSLSPGPSK
;
_entity_poly.pdbx_strand_id   A
#
loop_
_chem_comp.id
_chem_comp.type
_chem_comp.name
_chem_comp.formula
E2L non-polymer 2-chloranyl-10-[3-[(3~{S})-piperidin-3-yl]propyl]phenoxazine 'C20 H23 Cl N2 O'
#
# COMPACT_ATOMS: atom_id res chain seq x y z
N PRO A 9 -5.84 -30.21 -2.63
CA PRO A 9 -5.66 -29.96 -4.06
C PRO A 9 -4.70 -28.81 -4.43
N LEU A 10 -4.37 -27.91 -3.48
CA LEU A 10 -3.39 -26.82 -3.69
C LEU A 10 -2.13 -27.24 -4.48
N GLU A 11 -1.55 -28.38 -4.12
CA GLU A 11 -0.27 -28.83 -4.71
C GLU A 11 -0.41 -29.18 -6.19
N SER A 12 -1.55 -29.76 -6.57
CA SER A 12 -1.83 -30.14 -7.98
C SER A 12 -2.31 -28.99 -8.87
N GLN A 13 -2.84 -27.94 -8.24
CA GLN A 13 -3.53 -26.87 -8.96
C GLN A 13 -2.59 -25.69 -9.29
N TYR A 14 -1.48 -25.57 -8.57
CA TYR A 14 -0.50 -24.50 -8.79
C TYR A 14 0.87 -25.08 -8.91
N GLN A 15 1.63 -24.61 -9.89
CA GLN A 15 3.04 -24.92 -9.98
C GLN A 15 3.85 -23.83 -9.25
N VAL A 16 4.58 -24.23 -8.22
CA VAL A 16 5.35 -23.31 -7.39
C VAL A 16 6.66 -22.97 -8.10
N GLY A 17 7.05 -21.71 -8.02
CA GLY A 17 8.32 -21.22 -8.54
C GLY A 17 9.19 -20.64 -7.43
N PRO A 18 10.11 -19.75 -7.80
CA PRO A 18 11.02 -19.20 -6.81
C PRO A 18 10.33 -18.43 -5.69
N LEU A 19 11.01 -18.31 -4.56
CA LEU A 19 10.60 -17.43 -3.48
C LEU A 19 10.81 -16.00 -3.93
N LEU A 20 9.77 -15.17 -3.78
CA LEU A 20 9.85 -13.74 -4.12
C LEU A 20 10.30 -12.88 -2.94
N GLY A 21 9.98 -13.29 -1.73
CA GLY A 21 10.33 -12.54 -0.53
C GLY A 21 9.69 -13.12 0.70
N SER A 22 10.24 -12.76 1.86
CA SER A 22 9.69 -13.19 3.12
C SER A 22 9.84 -12.08 4.15
N GLY A 23 9.04 -12.13 5.19
CA GLY A 23 9.06 -11.10 6.23
C GLY A 23 7.88 -11.26 7.16
N GLY A 24 7.49 -10.17 7.83
CA GLY A 24 6.31 -10.21 8.73
C GLY A 24 5.03 -10.74 8.08
N PHE A 25 4.87 -10.51 6.79
CA PHE A 25 3.78 -11.06 5.97
C PHE A 25 3.81 -12.59 5.68
N GLY A 26 4.90 -13.28 6.05
CA GLY A 26 5.12 -14.71 5.74
C GLY A 26 6.12 -14.89 4.62
N SER A 27 5.91 -15.92 3.78
CA SER A 27 6.74 -16.19 2.62
C SER A 27 5.93 -16.21 1.36
N VAL A 28 6.37 -15.49 0.33
CA VAL A 28 5.61 -15.37 -0.92
C VAL A 28 6.42 -15.98 -2.05
N TYR A 29 5.80 -16.88 -2.82
CA TYR A 29 6.44 -17.52 -3.97
C TYR A 29 5.74 -17.16 -5.24
N SER A 30 6.51 -17.17 -6.31
CA SER A 30 6.00 -17.09 -7.66
C SER A 30 5.33 -18.41 -7.97
N GLY A 31 4.22 -18.33 -8.69
CA GLY A 31 3.44 -19.50 -9.05
C GLY A 31 2.73 -19.31 -10.36
N ILE A 32 2.24 -20.43 -10.91
CA ILE A 32 1.46 -20.46 -12.15
C ILE A 32 0.23 -21.29 -11.85
N ARG A 33 -0.95 -20.79 -12.22
CA ARG A 33 -2.15 -21.59 -12.12
C ARG A 33 -2.13 -22.55 -13.31
N VAL A 34 -2.19 -23.85 -13.01
CA VAL A 34 -2.00 -24.89 -14.05
C VAL A 34 -3.16 -24.91 -15.05
N SER A 35 -4.37 -24.62 -14.57
CA SER A 35 -5.57 -24.55 -15.42
C SER A 35 -5.41 -23.67 -16.67
N ASP A 36 -4.89 -22.45 -16.50
CA ASP A 36 -4.82 -21.47 -17.61
C ASP A 36 -3.51 -20.67 -17.68
N ASN A 37 -2.46 -21.18 -17.04
CA ASN A 37 -1.16 -20.50 -16.96
C ASN A 37 -1.13 -19.10 -16.32
N LEU A 38 -2.16 -18.72 -15.55
CA LEU A 38 -2.19 -17.38 -14.96
C LEU A 38 -1.04 -17.21 -13.97
N PRO A 39 -0.22 -16.17 -14.12
CA PRO A 39 0.79 -15.90 -13.09
C PRO A 39 0.14 -15.55 -11.74
N VAL A 40 0.60 -16.18 -10.68
CA VAL A 40 0.11 -15.93 -9.34
C VAL A 40 1.26 -15.76 -8.35
N ALA A 41 0.91 -15.30 -7.15
CA ALA A 41 1.81 -15.23 -6.00
C ALA A 41 1.19 -16.09 -4.94
N ILE A 42 2.00 -16.92 -4.28
CA ILE A 42 1.53 -17.88 -3.30
C ILE A 42 2.11 -17.55 -1.95
N LYS A 43 1.25 -17.17 -1.01
CA LYS A 43 1.70 -16.62 0.25
C LYS A 43 1.34 -17.50 1.40
N HIS A 44 2.36 -17.89 2.16
CA HIS A 44 2.25 -18.82 3.29
C HIS A 44 2.43 -18.05 4.57
N VAL A 45 1.51 -18.25 5.51
CA VAL A 45 1.64 -17.69 6.86
C VAL A 45 1.38 -18.78 7.89
N GLU A 46 2.27 -18.94 8.87
CA GLU A 46 2.08 -19.91 9.94
C GLU A 46 0.93 -19.45 10.83
N LYS A 47 0.10 -20.38 11.26
CA LYS A 47 -1.03 -20.07 12.14
C LYS A 47 -0.63 -19.38 13.46
N ASP A 48 0.50 -19.79 14.05
CA ASP A 48 0.94 -19.23 15.34
C ASP A 48 1.34 -17.78 15.25
N ARG A 49 1.66 -17.30 14.05
CA ARG A 49 2.00 -15.91 13.85
C ARG A 49 0.83 -15.04 13.40
N ILE A 50 -0.39 -15.56 13.46
CA ILE A 50 -1.59 -14.79 13.12
C ILE A 50 -2.22 -14.28 14.43
N SER A 51 -1.97 -13.02 14.75
CA SER A 51 -2.56 -12.38 15.94
C SER A 51 -4.01 -11.93 15.73
N ASP A 52 -4.45 -11.82 14.47
CA ASP A 52 -5.67 -11.09 14.12
C ASP A 52 -6.62 -11.94 13.27
N TRP A 53 -7.74 -12.37 13.85
CA TRP A 53 -8.68 -13.28 13.21
C TRP A 53 -10.06 -12.66 12.97
N GLY A 54 -10.75 -13.13 11.93
CA GLY A 54 -12.14 -12.77 11.64
C GLY A 54 -12.92 -14.01 11.20
N GLU A 55 -14.09 -13.81 10.58
CA GLU A 55 -14.95 -14.92 10.13
C GLU A 55 -15.64 -14.67 8.78
N LEU A 56 -15.88 -15.76 8.05
CA LEU A 56 -16.72 -15.79 6.85
C LEU A 56 -18.15 -16.23 7.25
N PRO A 57 -19.09 -16.39 6.28
CA PRO A 57 -20.45 -16.89 6.60
C PRO A 57 -20.53 -18.08 7.57
N THR A 60 -16.57 -19.78 8.47
CA THR A 60 -15.45 -20.36 9.24
C THR A 60 -14.54 -19.27 9.81
N ARG A 61 -13.60 -19.71 10.64
CA ARG A 61 -12.55 -18.86 11.23
C ARG A 61 -11.37 -18.69 10.26
N VAL A 62 -11.15 -17.46 9.77
CA VAL A 62 -10.02 -17.16 8.88
C VAL A 62 -9.17 -16.00 9.42
N PRO A 63 -7.93 -15.83 8.91
CA PRO A 63 -7.20 -14.62 9.28
C PRO A 63 -7.95 -13.37 8.80
N MET A 64 -7.82 -12.27 9.54
CA MET A 64 -8.44 -11.00 9.14
C MET A 64 -8.00 -10.58 7.72
N GLU A 65 -6.74 -10.87 7.37
CA GLU A 65 -6.25 -10.56 6.03
C GLU A 65 -7.16 -11.13 4.92
N VAL A 66 -7.68 -12.35 5.09
CA VAL A 66 -8.61 -12.96 4.11
C VAL A 66 -9.95 -12.20 4.04
N VAL A 67 -10.51 -11.86 5.19
CA VAL A 67 -11.74 -11.05 5.27
C VAL A 67 -11.57 -9.72 4.51
N LEU A 68 -10.46 -9.04 4.79
CA LEU A 68 -10.20 -7.72 4.21
C LEU A 68 -9.99 -7.86 2.71
N LEU A 69 -9.17 -8.83 2.31
CA LEU A 69 -8.95 -9.07 0.87
C LEU A 69 -10.23 -9.41 0.12
N LYS A 70 -11.09 -10.25 0.68
CA LYS A 70 -12.36 -10.58 0.02
C LYS A 70 -13.21 -9.33 -0.17
N LYS A 71 -13.23 -8.46 0.84
CA LYS A 71 -14.00 -7.20 0.74
C LYS A 71 -13.52 -6.27 -0.37
N VAL A 72 -12.21 -6.31 -0.72
CA VAL A 72 -11.66 -5.41 -1.74
C VAL A 72 -11.40 -6.07 -3.08
N SER A 73 -11.56 -7.40 -3.17
CA SER A 73 -11.16 -8.11 -4.40
C SER A 73 -12.30 -8.23 -5.41
N SER A 74 -13.45 -7.60 -5.16
CA SER A 74 -14.57 -7.62 -6.13
C SER A 74 -14.34 -6.59 -7.19
N GLY A 75 -14.42 -7.00 -8.45
CA GLY A 75 -14.24 -6.08 -9.58
C GLY A 75 -12.79 -5.64 -9.75
N PHE A 76 -12.58 -4.75 -10.72
CA PHE A 76 -11.25 -4.20 -11.00
C PHE A 76 -10.92 -3.09 -10.02
N SER A 77 -9.68 -3.04 -9.59
CA SER A 77 -9.20 -1.95 -8.76
C SER A 77 -7.66 -1.96 -8.77
N GLY A 78 -7.06 -0.97 -8.12
CA GLY A 78 -5.62 -0.95 -7.90
C GLY A 78 -5.17 -1.74 -6.70
N VAL A 79 -5.90 -2.80 -6.33
CA VAL A 79 -5.50 -3.70 -5.26
C VAL A 79 -5.16 -5.08 -5.88
N ILE A 80 -4.08 -5.71 -5.44
CA ILE A 80 -3.81 -7.08 -5.82
C ILE A 80 -4.90 -7.98 -5.19
N ARG A 81 -5.55 -8.74 -6.06
CA ARG A 81 -6.73 -9.51 -5.70
C ARG A 81 -6.42 -10.89 -5.18
N LEU A 82 -7.23 -11.31 -4.21
CA LEU A 82 -7.20 -12.65 -3.66
C LEU A 82 -8.00 -13.54 -4.60
N LEU A 83 -7.35 -14.55 -5.16
CA LEU A 83 -7.96 -15.49 -6.09
C LEU A 83 -8.50 -16.73 -5.40
N ASP A 84 -7.83 -17.20 -4.35
CA ASP A 84 -8.22 -18.42 -3.64
C ASP A 84 -7.41 -18.45 -2.38
N TRP A 85 -7.83 -19.27 -1.43
CA TRP A 85 -7.06 -19.52 -0.24
C TRP A 85 -7.26 -20.96 0.22
N PHE A 86 -6.32 -21.44 1.04
CA PHE A 86 -6.31 -22.81 1.54
C PHE A 86 -5.90 -22.77 2.98
N GLU A 87 -6.48 -23.66 3.78
CA GLU A 87 -6.03 -23.91 5.13
C GLU A 87 -5.27 -25.22 5.16
N ARG A 88 -4.12 -25.19 5.82
CA ARG A 88 -3.32 -26.37 6.12
C ARG A 88 -3.33 -26.54 7.63
N PRO A 89 -2.84 -27.68 8.14
CA PRO A 89 -2.83 -27.87 9.60
C PRO A 89 -2.09 -26.78 10.38
N ASP A 90 -0.98 -26.26 9.84
CA ASP A 90 -0.19 -25.26 10.56
C ASP A 90 -0.02 -23.92 9.85
N SER A 91 -0.74 -23.70 8.75
CA SER A 91 -0.60 -22.46 8.01
C SER A 91 -1.83 -22.17 7.16
N PHE A 92 -1.92 -20.92 6.69
CA PHE A 92 -2.85 -20.55 5.62
C PHE A 92 -2.04 -20.19 4.39
N VAL A 93 -2.60 -20.51 3.24
CA VAL A 93 -1.99 -20.24 1.97
C VAL A 93 -2.95 -19.40 1.16
N LEU A 94 -2.46 -18.27 0.66
CA LEU A 94 -3.25 -17.32 -0.13
C LEU A 94 -2.72 -17.31 -1.55
N ILE A 95 -3.62 -17.30 -2.51
CA ILE A 95 -3.27 -17.21 -3.91
C ILE A 95 -3.69 -15.82 -4.35
N LEU A 96 -2.70 -15.06 -4.83
CA LEU A 96 -2.88 -13.65 -5.22
C LEU A 96 -2.50 -13.44 -6.67
N GLU A 97 -3.04 -12.39 -7.27
CA GLU A 97 -2.57 -11.93 -8.59
C GLU A 97 -1.10 -11.60 -8.55
N ARG A 98 -0.45 -11.85 -9.68
CA ARG A 98 0.95 -11.48 -9.88
C ARG A 98 1.10 -10.81 -11.24
N PRO A 99 1.31 -9.48 -11.25
CA PRO A 99 1.68 -8.81 -12.50
C PRO A 99 3.03 -9.29 -12.99
N GLU A 100 3.25 -9.24 -14.29
CA GLU A 100 4.50 -9.70 -14.89
C GLU A 100 4.78 -8.86 -16.16
N PRO A 101 5.93 -8.20 -16.28
CA PRO A 101 6.93 -7.99 -15.24
C PRO A 101 6.46 -6.99 -14.17
N VAL A 102 7.11 -7.06 -13.01
CA VAL A 102 6.71 -6.31 -11.83
C VAL A 102 7.94 -5.87 -11.04
N GLN A 103 7.80 -4.73 -10.35
CA GLN A 103 8.81 -4.28 -9.42
C GLN A 103 8.07 -3.50 -8.31
N ASP A 104 8.43 -3.71 -7.06
CA ASP A 104 7.82 -2.93 -5.99
C ASP A 104 8.37 -1.51 -6.02
N LEU A 105 7.61 -0.56 -5.49
CA LEU A 105 8.00 0.83 -5.57
C LEU A 105 9.28 1.12 -4.75
N PHE A 106 9.49 0.41 -3.64
CA PHE A 106 10.73 0.53 -2.87
C PHE A 106 11.97 0.25 -3.73
N ASP A 107 11.95 -0.87 -4.46
CA ASP A 107 13.07 -1.25 -5.32
C ASP A 107 13.21 -0.29 -6.49
N PHE A 108 12.09 0.16 -7.03
CA PHE A 108 12.10 1.09 -8.15
C PHE A 108 12.77 2.41 -7.77
N ILE A 109 12.37 2.95 -6.62
CA ILE A 109 12.95 4.18 -6.09
C ILE A 109 14.41 3.97 -5.62
N THR A 110 14.69 2.84 -4.96
CA THR A 110 16.07 2.48 -4.61
C THR A 110 16.97 2.47 -5.86
N GLU A 111 16.51 1.88 -6.97
CA GLU A 111 17.27 1.86 -8.23
C GLU A 111 17.36 3.16 -8.99
N ARG A 112 16.25 3.90 -9.10
CA ARG A 112 16.19 5.04 -9.98
C ARG A 112 16.32 6.39 -9.29
N GLY A 113 16.27 6.41 -7.95
CA GLY A 113 16.33 7.66 -7.19
C GLY A 113 15.00 8.38 -7.19
N ALA A 114 15.05 9.67 -6.87
CA ALA A 114 13.86 10.52 -6.82
C ALA A 114 13.16 10.55 -8.17
N LEU A 115 11.84 10.43 -8.14
CA LEU A 115 11.02 10.39 -9.34
C LEU A 115 10.74 11.78 -9.85
N GLN A 116 10.78 11.96 -11.17
CA GLN A 116 10.26 13.18 -11.81
C GLN A 116 8.81 13.39 -11.37
N GLU A 117 8.41 14.67 -11.29
CA GLU A 117 7.10 14.99 -10.73
C GLU A 117 5.96 14.45 -11.54
N GLU A 118 6.10 14.44 -12.86
CA GLU A 118 5.09 13.87 -13.72
C GLU A 118 4.83 12.38 -13.39
N LEU A 119 5.91 11.63 -13.18
CA LEU A 119 5.82 10.22 -12.78
C LEU A 119 5.25 10.03 -11.36
N ALA A 120 5.76 10.80 -10.41
CA ALA A 120 5.20 10.81 -9.06
C ALA A 120 3.70 11.16 -9.05
N ARG A 121 3.28 12.13 -9.87
CA ARG A 121 1.89 12.50 -9.94
C ARG A 121 1.03 11.33 -10.41
N SER A 122 1.46 10.62 -11.45
CA SER A 122 0.72 9.47 -11.96
C SER A 122 0.62 8.35 -10.92
N PHE A 123 1.75 8.04 -10.29
CA PHE A 123 1.86 6.99 -9.28
C PHE A 123 1.00 7.34 -8.05
N PHE A 124 1.16 8.57 -7.55
CA PHE A 124 0.44 9.03 -6.36
C PHE A 124 -1.07 9.01 -6.60
N TRP A 125 -1.48 9.47 -7.77
CA TRP A 125 -2.89 9.43 -8.16
C TRP A 125 -3.48 8.02 -8.10
N GLN A 126 -2.77 7.07 -8.68
CA GLN A 126 -3.20 5.68 -8.66
C GLN A 126 -3.26 5.11 -7.24
N VAL A 127 -2.32 5.52 -6.40
CA VAL A 127 -2.38 5.09 -5.01
C VAL A 127 -3.63 5.67 -4.36
N LEU A 128 -3.88 6.96 -4.57
CA LEU A 128 -5.10 7.56 -4.02
C LEU A 128 -6.37 6.81 -4.44
N GLU A 129 -6.46 6.47 -5.72
CA GLU A 129 -7.64 5.76 -6.24
C GLU A 129 -7.81 4.40 -5.58
N ALA A 130 -6.69 3.69 -5.36
CA ALA A 130 -6.70 2.39 -4.70
C ALA A 130 -7.12 2.47 -3.23
N VAL A 131 -6.62 3.49 -2.53
CA VAL A 131 -6.96 3.70 -1.14
C VAL A 131 -8.44 4.07 -1.01
N ARG A 132 -8.95 4.90 -1.93
CA ARG A 132 -10.38 5.23 -1.93
C ARG A 132 -11.21 3.99 -2.13
N HIS A 133 -10.76 3.13 -3.02
CA HIS A 133 -11.45 1.87 -3.26
C HIS A 133 -11.55 1.02 -2.01
N CYS A 134 -10.44 0.86 -1.31
CA CYS A 134 -10.41 0.12 -0.05
C CYS A 134 -11.41 0.75 0.94
N HIS A 135 -11.32 2.08 1.11
CA HIS A 135 -12.21 2.76 2.07
C HIS A 135 -13.67 2.56 1.70
N ASN A 136 -13.96 2.69 0.42
CA ASN A 136 -15.30 2.35 -0.09
C ASN A 136 -15.84 0.97 0.22
N CYS A 137 -14.94 0.00 0.16
CA CYS A 137 -15.22 -1.36 0.53
C CYS A 137 -15.24 -1.63 2.04
N GLY A 138 -15.00 -0.63 2.88
CA GLY A 138 -14.99 -0.80 4.33
C GLY A 138 -13.69 -1.30 4.91
N VAL A 139 -12.58 -1.16 4.16
CA VAL A 139 -11.23 -1.59 4.60
C VAL A 139 -10.22 -0.43 4.79
N LEU A 140 -9.54 -0.45 5.93
CA LEU A 140 -8.42 0.44 6.20
C LEU A 140 -7.13 -0.37 6.05
N HIS A 141 -6.25 0.06 5.14
CA HIS A 141 -4.99 -0.67 4.92
C HIS A 141 -4.00 -0.60 6.12
N ARG A 142 -3.74 0.61 6.62
CA ARG A 142 -2.84 0.88 7.77
C ARG A 142 -1.32 0.65 7.60
N ASP A 143 -0.86 0.42 6.39
CA ASP A 143 0.58 0.23 6.11
C ASP A 143 0.89 0.66 4.67
N ILE A 144 0.30 1.79 4.27
CA ILE A 144 0.58 2.33 2.95
C ILE A 144 2.03 2.80 2.94
N LYS A 145 2.81 2.26 2.02
CA LYS A 145 4.22 2.60 1.90
C LYS A 145 4.77 2.02 0.59
N ASP A 146 5.97 2.48 0.23
CA ASP A 146 6.63 2.09 -1.02
C ASP A 146 6.75 0.57 -1.18
N GLU A 147 7.07 -0.14 -0.10
CA GLU A 147 7.23 -1.62 -0.14
C GLU A 147 5.91 -2.37 -0.38
N ASN A 148 4.79 -1.70 -0.12
CA ASN A 148 3.46 -2.31 -0.35
C ASN A 148 2.76 -1.85 -1.60
N ILE A 149 3.53 -1.35 -2.57
CA ILE A 149 3.01 -0.94 -3.85
C ILE A 149 3.84 -1.63 -4.96
N LEU A 150 3.15 -2.37 -5.82
CA LEU A 150 3.74 -3.03 -6.96
C LEU A 150 3.45 -2.22 -8.23
N ILE A 151 4.42 -2.21 -9.14
CA ILE A 151 4.28 -1.55 -10.41
C ILE A 151 4.26 -2.63 -11.50
N ASP A 152 3.18 -2.63 -12.28
CA ASP A 152 3.11 -3.40 -13.52
C ASP A 152 3.86 -2.56 -14.54
N LEU A 153 5.09 -2.97 -14.81
CA LEU A 153 6.02 -2.18 -15.62
C LEU A 153 5.59 -1.94 -17.07
N ASN A 154 4.78 -2.85 -17.63
CA ASN A 154 4.32 -2.71 -19.01
C ASN A 154 3.11 -1.82 -19.12
N ARG A 155 2.18 -1.93 -18.16
CA ARG A 155 0.94 -1.13 -18.20
C ARG A 155 0.98 0.19 -17.40
N GLY A 156 2.05 0.39 -16.63
CA GLY A 156 2.19 1.55 -15.76
C GLY A 156 1.18 1.61 -14.62
N GLU A 157 0.64 0.45 -14.25
CA GLU A 157 -0.44 0.31 -13.27
C GLU A 157 0.14 -0.12 -11.92
N LEU A 158 -0.25 0.60 -10.87
CA LEU A 158 0.16 0.35 -9.50
C LEU A 158 -0.88 -0.49 -8.78
N LYS A 159 -0.42 -1.38 -7.91
CA LYS A 159 -1.30 -2.30 -7.17
C LYS A 159 -0.88 -2.40 -5.71
N LEU A 160 -1.83 -2.22 -4.81
CA LEU A 160 -1.59 -2.30 -3.36
C LEU A 160 -1.52 -3.73 -2.91
N ILE A 161 -0.54 -4.02 -2.05
CA ILE A 161 -0.43 -5.32 -1.39
C ILE A 161 -0.33 -5.21 0.13
N ASP A 162 -0.46 -6.37 0.76
CA ASP A 162 -0.22 -6.58 2.19
C ASP A 162 -1.23 -5.89 3.09
N PHE A 163 -2.38 -6.54 3.21
CA PHE A 163 -3.42 -6.17 4.17
C PHE A 163 -3.26 -6.80 5.55
N GLY A 164 -2.04 -7.26 5.86
CA GLY A 164 -1.75 -7.95 7.11
C GLY A 164 -1.82 -7.13 8.38
N SER A 165 -1.69 -5.80 8.28
CA SER A 165 -1.86 -4.87 9.40
C SER A 165 -3.19 -4.10 9.32
N GLY A 166 -4.06 -4.49 8.39
CA GLY A 166 -5.25 -3.71 8.08
C GLY A 166 -6.38 -3.95 9.07
N ALA A 167 -7.49 -3.25 8.88
CA ALA A 167 -8.65 -3.42 9.74
C ALA A 167 -9.90 -3.01 9.03
N LEU A 168 -11.04 -3.38 9.59
CA LEU A 168 -12.30 -2.82 9.13
C LEU A 168 -12.24 -1.32 9.39
N LEU A 169 -12.69 -0.55 8.43
CA LEU A 169 -12.79 0.88 8.57
C LEU A 169 -13.91 1.21 9.53
N LYS A 170 -13.68 2.14 10.44
CA LYS A 170 -14.69 2.59 11.39
C LYS A 170 -14.48 4.07 11.65
N ASP A 171 -15.43 4.71 12.31
CA ASP A 171 -15.38 6.16 12.55
C ASP A 171 -14.92 6.55 13.96
N THR A 172 -14.71 5.54 14.79
CA THR A 172 -14.20 5.72 16.15
C THR A 172 -12.69 5.50 16.15
N VAL A 173 -12.09 5.76 17.30
CA VAL A 173 -10.65 5.78 17.44
C VAL A 173 -10.03 4.38 17.39
N TYR A 174 -8.84 4.29 16.80
CA TYR A 174 -8.02 3.09 16.80
C TYR A 174 -6.95 3.30 17.85
N THR A 175 -6.74 2.31 18.70
CA THR A 175 -5.73 2.38 19.76
C THR A 175 -4.67 1.27 19.61
N ASP A 176 -4.69 0.58 18.48
CA ASP A 176 -3.72 -0.47 18.15
C ASP A 176 -3.10 -0.10 16.81
N PHE A 177 -1.84 -0.44 16.60
CA PHE A 177 -1.18 -0.21 15.31
C PHE A 177 0.02 -1.15 15.19
N ASP A 178 0.08 -1.85 14.07
CA ASP A 178 1.13 -2.84 13.77
C ASP A 178 1.69 -2.56 12.36
N GLY A 179 1.56 -1.32 11.89
CA GLY A 179 2.10 -0.91 10.60
C GLY A 179 3.52 -0.43 10.77
N THR A 180 3.99 0.36 9.81
CA THR A 180 5.39 0.80 9.79
C THR A 180 5.52 2.13 10.50
N ARG A 181 6.42 2.18 11.49
CA ARG A 181 6.49 3.31 12.42
C ARG A 181 6.78 4.66 11.76
N VAL A 182 7.75 4.68 10.84
CA VAL A 182 8.17 5.92 10.16
C VAL A 182 7.10 6.48 9.22
N TYR A 183 6.06 5.70 8.93
CA TYR A 183 4.88 6.19 8.20
C TYR A 183 3.71 6.49 9.17
N SER A 184 3.92 6.30 10.47
CA SER A 184 2.86 6.45 11.46
C SER A 184 2.78 7.90 11.94
N PRO A 185 1.57 8.36 12.24
CA PRO A 185 1.36 9.78 12.48
C PRO A 185 1.71 10.19 13.91
N PRO A 186 1.91 11.50 14.14
CA PRO A 186 2.30 12.01 15.43
C PRO A 186 1.32 11.67 16.57
N GLU A 187 0.02 11.68 16.28
CA GLU A 187 -1.00 11.34 17.27
C GLU A 187 -0.85 9.88 17.76
N TRP A 188 -0.36 8.97 16.90
CA TRP A 188 -0.05 7.62 17.35
C TRP A 188 1.19 7.62 18.27
N ILE A 189 2.25 8.28 17.81
CA ILE A 189 3.51 8.39 18.56
C ILE A 189 3.21 8.95 19.96
N ARG A 190 2.44 10.04 20.02
CA ARG A 190 2.23 10.75 21.28
C ARG A 190 1.18 10.13 22.20
N TYR A 191 0.06 9.66 21.63
CA TYR A 191 -1.13 9.27 22.41
C TYR A 191 -1.62 7.85 22.22
N HIS A 192 -1.02 7.12 21.29
CA HIS A 192 -1.51 5.80 20.90
C HIS A 192 -2.99 5.80 20.50
N ARG A 193 -3.38 6.87 19.78
CA ARG A 193 -4.74 7.06 19.28
C ARG A 193 -4.68 7.69 17.88
N TYR A 194 -5.47 7.15 16.94
CA TYR A 194 -5.63 7.81 15.65
C TYR A 194 -6.97 7.44 15.08
N HIS A 195 -7.45 8.27 14.14
CA HIS A 195 -8.58 7.90 13.30
C HIS A 195 -8.09 7.49 11.94
N GLY A 196 -8.88 6.63 11.29
CA GLY A 196 -8.46 5.90 10.10
C GLY A 196 -8.01 6.76 8.93
N ARG A 197 -8.90 7.64 8.48
CA ARG A 197 -8.70 8.40 7.27
C ARG A 197 -7.57 9.41 7.40
N SER A 198 -7.53 10.10 8.54
CA SER A 198 -6.52 11.11 8.76
C SER A 198 -5.12 10.50 8.95
N ALA A 199 -5.04 9.33 9.59
CA ALA A 199 -3.77 8.59 9.67
C ALA A 199 -3.35 8.13 8.26
N ALA A 200 -4.31 7.68 7.45
CA ALA A 200 -4.00 7.29 6.08
C ALA A 200 -3.44 8.46 5.28
N VAL A 201 -4.00 9.66 5.48
CA VAL A 201 -3.51 10.84 4.78
C VAL A 201 -2.08 11.18 5.17
N TRP A 202 -1.76 11.08 6.46
CA TRP A 202 -0.40 11.28 6.93
C TRP A 202 0.56 10.34 6.19
N SER A 203 0.22 9.06 6.15
CA SER A 203 1.07 8.06 5.48
C SER A 203 1.22 8.37 3.98
N LEU A 204 0.17 8.91 3.38
CA LEU A 204 0.25 9.38 2.00
C LEU A 204 1.20 10.56 1.83
N GLY A 205 1.25 11.47 2.79
CA GLY A 205 2.26 12.55 2.74
C GLY A 205 3.68 12.02 2.77
N ILE A 206 3.90 11.00 3.62
CA ILE A 206 5.23 10.37 3.74
C ILE A 206 5.61 9.74 2.40
N LEU A 207 4.66 9.01 1.83
CA LEU A 207 4.85 8.35 0.51
C LEU A 207 5.17 9.33 -0.61
N LEU A 208 4.43 10.43 -0.66
CA LEU A 208 4.65 11.42 -1.70
C LEU A 208 6.04 12.05 -1.57
N TYR A 209 6.41 12.44 -0.36
CA TYR A 209 7.77 12.90 -0.09
C TYR A 209 8.82 11.85 -0.56
N ASP A 210 8.60 10.60 -0.17
CA ASP A 210 9.47 9.50 -0.56
C ASP A 210 9.65 9.43 -2.09
N MET A 211 8.54 9.55 -2.81
CA MET A 211 8.55 9.56 -4.25
C MET A 211 9.40 10.67 -4.87
N VAL A 212 9.14 11.91 -4.46
CA VAL A 212 9.81 13.05 -5.06
C VAL A 212 11.18 13.36 -4.47
N CYS A 213 11.53 12.80 -3.33
CA CYS A 213 12.84 13.03 -2.73
C CYS A 213 13.74 11.80 -2.77
N GLY A 214 13.16 10.61 -3.03
CA GLY A 214 13.93 9.35 -3.01
C GLY A 214 14.27 8.78 -1.65
N ASP A 215 13.78 9.39 -0.57
CA ASP A 215 13.89 8.85 0.79
C ASP A 215 12.75 9.42 1.65
N ILE A 216 12.51 8.79 2.80
CA ILE A 216 11.47 9.21 3.73
C ILE A 216 11.90 10.47 4.53
N PRO A 217 10.92 11.29 4.96
CA PRO A 217 11.29 12.58 5.56
C PRO A 217 11.75 12.49 7.02
N PHE A 218 11.25 11.51 7.78
CA PHE A 218 11.53 11.39 9.21
C PHE A 218 12.08 10.03 9.50
N GLU A 219 13.11 9.92 10.34
CA GLU A 219 13.50 8.61 10.84
C GLU A 219 13.18 8.40 12.31
N HIS A 220 13.31 9.45 13.13
CA HIS A 220 13.13 9.31 14.57
C HIS A 220 11.79 9.87 15.03
N ASP A 221 11.31 9.34 16.16
CA ASP A 221 10.04 9.80 16.78
C ASP A 221 9.96 11.32 16.95
N GLU A 222 11.08 11.91 17.33
CA GLU A 222 11.16 13.34 17.64
C GLU A 222 10.97 14.16 16.37
N GLU A 223 11.42 13.63 15.24
CA GLU A 223 11.24 14.32 13.95
C GLU A 223 9.79 14.27 13.53
N ILE A 224 9.15 13.12 13.73
CA ILE A 224 7.73 12.91 13.43
C ILE A 224 6.89 13.91 14.21
N ILE A 225 7.14 13.97 15.53
CA ILE A 225 6.41 14.87 16.42
C ILE A 225 6.66 16.34 16.10
N ARG A 226 7.89 16.69 15.74
CA ARG A 226 8.21 18.05 15.34
C ARG A 226 7.51 18.40 14.00
N GLY A 227 7.41 17.43 13.09
CA GLY A 227 6.63 17.62 11.85
C GLY A 227 7.20 18.64 10.85
N GLN A 228 8.49 18.96 10.96
CA GLN A 228 9.12 19.93 10.05
C GLN A 228 9.78 19.18 8.90
N VAL A 229 9.40 19.58 7.70
CA VAL A 229 9.76 18.90 6.48
C VAL A 229 10.84 19.72 5.78
N PHE A 230 11.99 19.11 5.48
CA PHE A 230 13.04 19.76 4.70
C PHE A 230 13.27 19.01 3.40
N PHE A 231 13.41 19.75 2.31
CA PHE A 231 13.63 19.16 0.98
C PHE A 231 15.11 19.16 0.61
N ARG A 232 15.61 17.99 0.30
CA ARG A 232 16.99 17.74 -0.12
C ARG A 232 17.13 17.89 -1.65
N GLN A 233 15.99 17.78 -2.34
CA GLN A 233 15.88 17.74 -3.79
C GLN A 233 15.02 18.93 -4.29
N ARG A 234 15.21 19.37 -5.53
CA ARG A 234 14.38 20.42 -6.10
C ARG A 234 12.98 19.85 -6.30
N VAL A 235 11.98 20.44 -5.63
CA VAL A 235 10.58 20.01 -5.67
C VAL A 235 9.75 21.29 -5.81
N SER A 236 8.76 21.27 -6.68
CA SER A 236 7.93 22.42 -6.92
C SER A 236 7.18 22.89 -5.69
N SEP A 237 6.90 24.18 -5.67
CA SEP A 237 6.22 24.81 -4.57
CB SEP A 237 6.11 26.32 -4.88
OG SEP A 237 7.39 26.92 -5.12
C SEP A 237 4.89 24.14 -4.32
O SEP A 237 4.50 23.93 -3.20
P SEP A 237 7.86 27.57 -6.55
O1P SEP A 237 9.18 28.27 -6.38
O2P SEP A 237 6.80 28.55 -6.88
O3P SEP A 237 7.92 26.34 -7.43
N GLU A 238 4.22 23.74 -5.36
CA GLU A 238 2.86 23.16 -5.31
C GLU A 238 2.96 21.75 -4.69
N CYS A 239 3.93 20.96 -5.09
CA CYS A 239 4.15 19.62 -4.50
C CYS A 239 4.56 19.72 -3.02
N GLN A 240 5.44 20.66 -2.68
CA GLN A 240 5.85 20.88 -1.27
C GLN A 240 4.65 21.24 -0.40
N HIS A 241 3.77 22.07 -0.95
CA HIS A 241 2.54 22.47 -0.28
C HIS A 241 1.63 21.28 0.03
N LEU A 242 1.37 20.45 -0.98
CA LEU A 242 0.54 19.26 -0.77
C LEU A 242 1.14 18.33 0.29
N ILE A 243 2.45 18.11 0.22
CA ILE A 243 3.14 17.27 1.19
C ILE A 243 2.95 17.83 2.61
N ARG A 244 3.19 19.13 2.76
CA ARG A 244 3.12 19.75 4.07
C ARG A 244 1.71 19.76 4.61
N TRP A 245 0.74 19.80 3.72
CA TRP A 245 -0.68 19.71 4.08
C TRP A 245 -1.06 18.31 4.58
N CYS A 246 -0.68 17.26 3.84
CA CYS A 246 -0.85 15.86 4.30
C CYS A 246 -0.17 15.60 5.64
N LEU A 247 0.96 16.26 5.86
CA LEU A 247 1.73 16.08 7.07
C LEU A 247 1.45 17.15 8.12
N ALA A 248 0.26 17.73 8.11
CA ALA A 248 -0.17 18.62 9.20
C ALA A 248 -0.17 17.85 10.52
N LEU A 249 0.38 18.48 11.56
CA LEU A 249 0.52 17.80 12.86
C LEU A 249 -0.86 17.47 13.48
N ARG A 250 -1.80 18.40 13.36
CA ARG A 250 -3.16 18.18 13.82
C ARG A 250 -3.94 17.43 12.75
N PRO A 251 -4.52 16.26 13.10
CA PRO A 251 -5.30 15.44 12.14
C PRO A 251 -6.36 16.20 11.38
N SER A 252 -7.04 17.14 12.07
CA SER A 252 -8.09 17.97 11.48
C SER A 252 -7.58 19.01 10.46
N ASP A 253 -6.29 19.35 10.49
CA ASP A 253 -5.70 20.24 9.49
C ASP A 253 -5.28 19.55 8.16
N ARG A 254 -5.39 18.23 8.10
CA ARG A 254 -5.00 17.45 6.91
C ARG A 254 -6.11 17.46 5.89
N PRO A 255 -5.74 17.34 4.60
CA PRO A 255 -6.79 17.27 3.60
C PRO A 255 -7.53 15.94 3.60
N THR A 256 -8.76 15.98 3.10
CA THR A 256 -9.53 14.78 2.77
C THR A 256 -8.97 14.23 1.46
N PHE A 257 -9.34 13.01 1.08
CA PHE A 257 -8.91 12.49 -0.23
C PHE A 257 -9.38 13.35 -1.38
N GLU A 258 -10.62 13.83 -1.31
CA GLU A 258 -11.15 14.74 -2.32
C GLU A 258 -10.27 15.97 -2.48
N GLU A 259 -9.91 16.55 -1.35
CA GLU A 259 -9.05 17.74 -1.34
C GLU A 259 -7.65 17.47 -1.91
N ILE A 260 -7.10 16.28 -1.65
CA ILE A 260 -5.81 15.89 -2.26
C ILE A 260 -5.97 15.86 -3.77
N GLN A 261 -6.98 15.15 -4.24
CA GLN A 261 -7.17 14.96 -5.68
C GLN A 261 -7.60 16.23 -6.44
N ASN A 262 -8.11 17.24 -5.72
CA ASN A 262 -8.40 18.56 -6.33
C ASN A 262 -7.28 19.57 -6.15
N HIS A 263 -6.19 19.18 -5.50
CA HIS A 263 -5.07 20.07 -5.29
C HIS A 263 -4.44 20.43 -6.68
N PRO A 264 -3.92 21.66 -6.85
CA PRO A 264 -3.28 22.10 -8.12
C PRO A 264 -2.18 21.18 -8.66
N TRP A 265 -1.33 20.67 -7.77
CA TRP A 265 -0.31 19.69 -8.15
C TRP A 265 -0.85 18.41 -8.80
N MET A 266 -2.08 18.01 -8.44
CA MET A 266 -2.67 16.77 -8.93
C MET A 266 -3.41 16.91 -10.28
N GLN A 267 -3.37 18.10 -10.90
CA GLN A 267 -4.08 18.32 -12.19
C GLN A 267 -3.31 17.73 -13.38
N ASP A 268 -4.04 17.30 -14.41
CA ASP A 268 -3.44 16.75 -15.67
C ASP A 268 -2.55 15.53 -15.44
N VAL A 269 -3.06 14.61 -14.65
CA VAL A 269 -2.39 13.32 -14.46
C VAL A 269 -2.35 12.56 -15.76
N LEU A 270 -1.24 11.89 -16.01
CA LEU A 270 -1.18 10.96 -17.13
C LEU A 270 -1.92 9.69 -16.79
N LEU A 271 -2.49 9.05 -17.80
CA LEU A 271 -3.09 7.74 -17.62
C LEU A 271 -1.96 6.69 -17.50
N PRO A 272 -2.26 5.52 -16.92
CA PRO A 272 -1.18 4.54 -16.67
C PRO A 272 -0.36 4.19 -17.92
N GLN A 273 -1.03 3.88 -19.02
CA GLN A 273 -0.31 3.46 -20.25
C GLN A 273 0.69 4.51 -20.75
N GLU A 274 0.26 5.77 -20.81
CA GLU A 274 1.16 6.90 -21.20
C GLU A 274 2.34 7.02 -20.24
N THR A 275 2.07 6.81 -18.95
CA THR A 275 3.12 6.83 -17.93
C THR A 275 4.18 5.76 -18.24
N ALA A 276 3.75 4.56 -18.63
CA ALA A 276 4.72 3.50 -18.92
C ALA A 276 5.53 3.78 -20.21
N GLU A 277 4.86 4.34 -21.21
CA GLU A 277 5.55 4.71 -22.47
C GLU A 277 6.65 5.75 -22.26
N ILE A 278 6.34 6.80 -21.51
CA ILE A 278 7.28 7.90 -21.23
C ILE A 278 8.35 7.43 -20.26
N HIS A 279 7.95 6.77 -19.16
CA HIS A 279 8.85 6.57 -18.03
C HIS A 279 9.35 5.17 -17.77
N LEU A 280 8.64 4.16 -18.26
CA LEU A 280 8.98 2.78 -17.88
C LEU A 280 9.53 1.90 -19.03
N HIS A 281 9.14 2.18 -20.27
CA HIS A 281 9.67 1.47 -21.45
C HIS A 281 11.06 1.99 -21.79
C4 E2L B . 3.92 -9.15 0.37
C5 E2L B . 3.12 -9.14 1.41
C6 E2L B . 1.64 -9.47 1.26
C7 E2L B . 1.15 -9.76 0.08
C8 E2L B . 2.08 -9.76 -1.12
C10 E2L B . 2.33 -10.11 -3.52
C13 E2L B . 3.84 -10.17 -5.86
C15 E2L B . 1.66 -10.46 -4.82
C17 E2L B . 6.62 -10.23 -1.98
C20 E2L B . 8.56 -8.91 -3.89
C21 E2L B . 8.45 -8.43 -2.43
C22 E2L B . 9.80 -7.98 -1.83
C24 E2L B . 10.76 -7.75 -4.06
C18 E2L B . 7.92 -9.56 -1.53
C1 E2L B . 5.60 -9.13 -2.12
N2 E2L B . 4.19 -9.52 -2.18
N23 E2L B . 10.53 -7.13 -2.75
C11 E2L B . 3.61 -9.83 -3.45
C3 E2L B . 3.37 -9.49 -1.02
C12 E2L B . 4.44 -9.87 -4.73
C19 E2L B . 9.44 -8.03 -4.79
CL1 E2L B . 4.77 -10.20 -7.36
C14 E2L B . 2.37 -10.48 -5.91
O9 E2L B . 1.53 -10.08 -2.37
#